data_2PIP
#
_entry.id   2PIP
#
_cell.length_a   55.001
_cell.length_b   66.223
_cell.length_c   70.557
_cell.angle_alpha   90.00
_cell.angle_beta   90.00
_cell.angle_gamma   90.00
#
_symmetry.space_group_name_H-M   'P 21 21 21'
#
loop_
_entity.id
_entity.type
_entity.pdbx_description
1 polymer 'Androgen receptor'
2 non-polymer 'SULFATE ION'
3 non-polymer 5-ALPHA-DIHYDROTESTOSTERONE
4 non-polymer '1H-INDOLE-3-CARBOXYLIC ACID'
5 non-polymer 1-TERT-BUTYL-3-(2,5-DIMETHYLBENZYL)-1H-PYRAZOLO[3,4-D]PYRIMIDIN-4-AMINE
6 water water
#
_entity_poly.entity_id   1
_entity_poly.type   'polypeptide(L)'
_entity_poly.pdbx_seq_one_letter_code
;CQPIFLNVLEAIEPGVVCAGHDNNQPDSFAALLSSLNELGERQLVHVVKWAKALPGFRNLHVDDQMAVIQYSWMGLMVFA
MGWRSFTNVNSRMLYFAPDLVFNEYRMHKSRMYSQCVRMRHLSQEFGWLQITPQEFLCMKALLLFSIIPVDGLKNQKFFD
ELRMNYIKELDRIIACKRKNPTSCSRRFYQLTKLLDSVQPIARELHQFTFDLLIKSHMVSVDFPEMMAEIISVQVPKILS
GKVKPIYFHTQ
;
_entity_poly.pdbx_strand_id   L
#
loop_
_chem_comp.id
_chem_comp.type
_chem_comp.name
_chem_comp.formula
DHT non-polymer 5-ALPHA-DIHYDROTESTOSTERONE 'C19 H30 O2'
ICO non-polymer '1H-INDOLE-3-CARBOXYLIC ACID' 'C9 H7 N O2'
K10 non-polymer 1-TERT-BUTYL-3-(2,5-DIMETHYLBENZYL)-1H-PYRAZOLO[3,4-D]PYRIMIDIN-4-AMINE 'C18 H23 N5'
SO4 non-polymer 'SULFATE ION' 'O4 S -2'
#
# COMPACT_ATOMS: atom_id res chain seq x y z
N GLN A 2 -13.30 -11.24 14.42
CA GLN A 2 -12.70 -12.60 14.49
C GLN A 2 -13.49 -13.47 15.46
N PRO A 3 -13.59 -14.78 15.17
CA PRO A 3 -13.01 -15.47 14.01
C PRO A 3 -13.55 -14.94 12.68
N ILE A 4 -14.78 -14.45 12.70
CA ILE A 4 -15.45 -13.94 11.50
C ILE A 4 -14.58 -12.97 10.71
N PHE A 5 -14.19 -11.86 11.34
CA PHE A 5 -13.39 -10.83 10.67
C PHE A 5 -12.11 -11.42 10.11
N LEU A 6 -11.32 -12.09 10.94
CA LEU A 6 -10.07 -12.68 10.49
C LEU A 6 -10.27 -13.65 9.34
N ASN A 7 -11.30 -14.47 9.39
CA ASN A 7 -11.55 -15.44 8.33
C ASN A 7 -11.68 -14.74 7.00
N VAL A 8 -12.52 -13.71 6.94
CA VAL A 8 -12.72 -12.94 5.71
C VAL A 8 -11.42 -12.37 5.11
N LEU A 9 -10.70 -11.54 5.89
CA LEU A 9 -9.44 -10.94 5.40
C LEU A 9 -8.53 -12.00 4.81
N GLU A 10 -8.37 -13.10 5.53
CA GLU A 10 -7.52 -14.19 5.06
C GLU A 10 -8.07 -14.80 3.79
N ALA A 11 -9.39 -14.90 3.69
CA ALA A 11 -10.03 -15.50 2.51
C ALA A 11 -9.97 -14.60 1.28
N ILE A 12 -9.96 -13.28 1.47
CA ILE A 12 -9.93 -12.37 0.32
C ILE A 12 -8.52 -11.91 -0.06
N GLU A 13 -7.50 -12.27 0.71
CA GLU A 13 -6.13 -11.85 0.43
C GLU A 13 -5.73 -12.23 -0.99
N PRO A 14 -5.37 -11.22 -1.81
CA PRO A 14 -4.96 -11.44 -3.20
C PRO A 14 -3.87 -12.48 -3.40
N GLY A 15 -3.89 -13.14 -4.55
CA GLY A 15 -2.87 -14.14 -4.84
C GLY A 15 -1.62 -13.52 -5.44
N VAL A 16 -0.69 -14.35 -5.90
CA VAL A 16 0.55 -13.87 -6.49
C VAL A 16 0.31 -13.18 -7.82
N VAL A 17 0.88 -12.00 -7.98
CA VAL A 17 0.70 -11.24 -9.21
C VAL A 17 2.07 -11.00 -9.88
N CYS A 18 2.17 -11.41 -11.14
CA CYS A 18 3.40 -11.23 -11.90
C CYS A 18 3.42 -9.86 -12.59
N ALA A 19 4.62 -9.40 -12.91
CA ALA A 19 4.79 -8.11 -13.55
C ALA A 19 4.90 -8.25 -15.04
N GLY A 20 5.42 -9.38 -15.49
CA GLY A 20 5.60 -9.62 -16.92
C GLY A 20 6.94 -9.10 -17.43
N HIS A 21 7.87 -8.84 -16.50
CA HIS A 21 9.19 -8.34 -16.85
C HIS A 21 10.03 -9.39 -17.59
N ASP A 22 10.88 -8.92 -18.49
CA ASP A 22 11.76 -9.80 -19.25
C ASP A 22 13.15 -9.76 -18.60
N ASN A 23 13.37 -10.64 -17.64
CA ASN A 23 14.65 -10.70 -16.92
C ASN A 23 15.83 -11.17 -17.76
N ASN A 24 15.57 -11.41 -19.05
CA ASN A 24 16.63 -11.86 -19.96
C ASN A 24 17.36 -10.66 -20.56
N GLN A 25 16.62 -9.57 -20.74
CA GLN A 25 17.18 -8.35 -21.30
C GLN A 25 17.91 -7.55 -20.23
N PRO A 26 19.05 -6.92 -20.60
CA PRO A 26 19.82 -6.12 -19.64
C PRO A 26 18.93 -5.07 -18.98
N ASP A 27 19.19 -4.76 -17.72
CA ASP A 27 18.39 -3.76 -17.03
C ASP A 27 18.51 -2.39 -17.68
N SER A 28 17.43 -1.60 -17.60
CA SER A 28 17.38 -0.26 -18.15
C SER A 28 16.24 0.47 -17.48
N PHE A 29 16.36 1.80 -17.36
CA PHE A 29 15.33 2.64 -16.76
C PHE A 29 13.98 2.41 -17.40
N ALA A 30 13.93 2.50 -18.72
CA ALA A 30 12.68 2.32 -19.47
C ALA A 30 11.99 0.99 -19.16
N ALA A 31 12.74 -0.10 -19.28
CA ALA A 31 12.23 -1.46 -19.00
C ALA A 31 11.79 -1.69 -17.56
N LEU A 32 12.63 -1.32 -16.60
CA LEU A 32 12.32 -1.49 -15.20
C LEU A 32 11.07 -0.70 -14.76
N LEU A 33 11.03 0.61 -15.05
CA LEU A 33 9.90 1.43 -14.68
C LEU A 33 8.64 1.01 -15.40
N SER A 34 8.74 0.74 -16.70
CA SER A 34 7.57 0.26 -17.44
C SER A 34 6.97 -1.01 -16.81
N SER A 35 7.83 -1.92 -16.37
CA SER A 35 7.40 -3.15 -15.73
C SER A 35 6.72 -2.84 -14.45
N LEU A 36 7.28 -1.91 -13.67
CA LEU A 36 6.67 -1.49 -12.41
C LEU A 36 5.29 -0.92 -12.66
N ASN A 37 5.14 -0.13 -13.72
CA ASN A 37 3.85 0.46 -14.08
C ASN A 37 2.83 -0.61 -14.43
N GLU A 38 3.21 -1.56 -15.26
CA GLU A 38 2.32 -2.65 -15.65
C GLU A 38 1.89 -3.40 -14.40
N LEU A 39 2.85 -3.84 -13.60
CA LEU A 39 2.57 -4.56 -12.37
C LEU A 39 1.53 -3.74 -11.57
N GLY A 40 1.69 -2.42 -11.60
CA GLY A 40 0.77 -1.56 -10.88
C GLY A 40 -0.65 -1.71 -11.39
N GLU A 41 -0.83 -1.72 -12.71
CA GLU A 41 -2.13 -1.89 -13.32
C GLU A 41 -2.72 -3.23 -12.88
N ARG A 42 -2.03 -4.32 -13.18
CA ARG A 42 -2.48 -5.66 -12.83
C ARG A 42 -2.89 -5.74 -11.36
N GLN A 43 -2.06 -5.21 -10.48
CA GLN A 43 -2.32 -5.20 -9.05
C GLN A 43 -3.54 -4.36 -8.71
N LEU A 44 -3.69 -3.19 -9.33
CA LEU A 44 -4.83 -2.32 -9.09
C LEU A 44 -6.15 -3.11 -9.24
N VAL A 45 -6.20 -4.01 -10.21
CA VAL A 45 -7.38 -4.82 -10.45
C VAL A 45 -7.64 -5.73 -9.27
N HIS A 46 -6.58 -6.33 -8.72
CA HIS A 46 -6.72 -7.22 -7.58
C HIS A 46 -7.10 -6.45 -6.32
N VAL A 47 -6.64 -5.20 -6.23
CA VAL A 47 -6.94 -4.35 -5.08
C VAL A 47 -8.41 -3.94 -5.08
N VAL A 48 -8.94 -3.63 -6.26
CA VAL A 48 -10.34 -3.23 -6.39
C VAL A 48 -11.27 -4.36 -5.97
N LYS A 49 -11.00 -5.58 -6.42
CA LYS A 49 -11.81 -6.76 -6.10
C LYS A 49 -11.63 -7.08 -4.63
N TRP A 50 -10.41 -6.90 -4.13
CA TRP A 50 -10.12 -7.15 -2.72
C TRP A 50 -10.97 -6.22 -1.84
N ALA A 51 -10.75 -4.92 -2.02
CA ALA A 51 -11.46 -3.88 -1.28
C ALA A 51 -12.96 -4.12 -1.39
N LYS A 52 -13.42 -4.50 -2.59
CA LYS A 52 -14.83 -4.80 -2.80
C LYS A 52 -15.20 -6.21 -2.34
N ALA A 53 -14.68 -6.60 -1.18
CA ALA A 53 -14.96 -7.92 -0.60
C ALA A 53 -14.76 -7.71 0.90
N LEU A 54 -14.23 -6.56 1.27
CA LEU A 54 -14.01 -6.24 2.67
C LEU A 54 -15.32 -5.99 3.40
N PRO A 55 -15.41 -6.44 4.66
CA PRO A 55 -16.62 -6.25 5.47
C PRO A 55 -17.08 -4.77 5.55
N GLY A 56 -18.34 -4.54 5.21
CA GLY A 56 -18.92 -3.21 5.27
C GLY A 56 -18.42 -2.22 4.25
N PHE A 57 -17.58 -2.64 3.32
CA PHE A 57 -17.05 -1.72 2.32
C PHE A 57 -18.16 -1.13 1.46
N ARG A 58 -19.21 -1.93 1.26
CA ARG A 58 -20.35 -1.51 0.45
C ARG A 58 -21.30 -0.62 1.23
N ASN A 59 -20.91 -0.25 2.44
CA ASN A 59 -21.73 0.67 3.23
C ASN A 59 -21.33 2.07 2.77
N LEU A 60 -20.26 2.14 1.98
CA LEU A 60 -19.73 3.42 1.50
C LEU A 60 -20.44 3.78 0.22
N HIS A 61 -20.57 5.08 -0.04
CA HIS A 61 -21.21 5.53 -1.26
C HIS A 61 -20.37 5.03 -2.45
N VAL A 62 -21.04 4.71 -3.56
CA VAL A 62 -20.34 4.21 -4.74
C VAL A 62 -19.18 5.12 -5.17
N ASP A 63 -19.34 6.43 -5.00
CA ASP A 63 -18.29 7.37 -5.38
C ASP A 63 -17.15 7.39 -4.38
N ASP A 64 -17.46 7.18 -3.10
CA ASP A 64 -16.44 7.17 -2.08
C ASP A 64 -15.66 5.87 -2.15
N GLN A 65 -16.32 4.82 -2.63
CA GLN A 65 -15.67 3.51 -2.76
C GLN A 65 -14.51 3.65 -3.73
N MET A 66 -14.75 4.29 -4.86
CA MET A 66 -13.73 4.52 -5.85
C MET A 66 -12.66 5.50 -5.35
N ALA A 67 -13.11 6.51 -4.60
CA ALA A 67 -12.25 7.55 -4.06
C ALA A 67 -11.16 6.99 -3.15
N VAL A 68 -11.57 6.20 -2.15
CA VAL A 68 -10.64 5.59 -1.20
C VAL A 68 -9.60 4.70 -1.89
N ILE A 69 -10.03 3.88 -2.84
CA ILE A 69 -9.12 3.03 -3.58
C ILE A 69 -8.14 3.88 -4.42
N GLN A 70 -8.65 4.85 -5.15
CA GLN A 70 -7.83 5.70 -6.01
C GLN A 70 -6.81 6.53 -5.24
N TYR A 71 -7.05 6.77 -3.96
CA TYR A 71 -6.10 7.53 -3.16
C TYR A 71 -5.12 6.66 -2.36
N SER A 72 -5.57 5.50 -1.90
CA SER A 72 -4.72 4.62 -1.12
C SER A 72 -4.03 3.48 -1.81
N TRP A 73 -4.26 3.28 -3.11
CA TRP A 73 -3.61 2.18 -3.83
C TRP A 73 -2.10 2.12 -3.60
N MET A 74 -1.42 3.25 -3.74
CA MET A 74 0.03 3.31 -3.56
C MET A 74 0.43 2.73 -2.20
N GLY A 75 -0.09 3.32 -1.14
CA GLY A 75 0.23 2.82 0.19
C GLY A 75 -0.05 1.32 0.37
N LEU A 76 -1.23 0.88 -0.09
CA LEU A 76 -1.62 -0.52 -0.03
C LEU A 76 -0.62 -1.44 -0.74
N MET A 77 -0.15 -1.02 -1.90
CA MET A 77 0.81 -1.81 -2.67
C MET A 77 2.21 -1.85 -2.07
N VAL A 78 2.62 -0.77 -1.44
CA VAL A 78 3.92 -0.68 -0.82
C VAL A 78 3.95 -1.54 0.43
N PHE A 79 2.91 -1.43 1.27
CA PHE A 79 2.83 -2.19 2.50
C PHE A 79 2.81 -3.70 2.19
N ALA A 80 2.11 -4.08 1.13
CA ALA A 80 2.02 -5.47 0.70
C ALA A 80 3.34 -5.93 0.07
N MET A 81 4.03 -5.01 -0.60
CA MET A 81 5.28 -5.35 -1.25
C MET A 81 6.32 -5.56 -0.17
N GLY A 82 6.21 -4.77 0.90
CA GLY A 82 7.18 -4.87 1.98
C GLY A 82 7.02 -6.15 2.78
N TRP A 83 5.79 -6.64 2.85
CA TRP A 83 5.50 -7.87 3.58
C TRP A 83 6.05 -9.05 2.82
N ARG A 84 5.94 -9.03 1.50
CA ARG A 84 6.43 -10.13 0.67
C ARG A 84 7.97 -10.21 0.77
N SER A 85 8.62 -9.07 0.75
CA SER A 85 10.08 -8.99 0.80
C SER A 85 10.59 -9.56 2.09
N PHE A 86 9.90 -9.32 3.19
CA PHE A 86 10.30 -9.85 4.48
C PHE A 86 10.14 -11.36 4.59
N THR A 87 9.02 -11.88 4.08
CA THR A 87 8.73 -13.30 4.18
C THR A 87 9.44 -14.16 3.15
N ASN A 88 9.68 -13.61 1.97
CA ASN A 88 10.34 -14.36 0.91
C ASN A 88 11.87 -14.23 0.88
N VAL A 89 12.41 -13.07 1.22
CA VAL A 89 13.85 -12.85 1.19
C VAL A 89 14.37 -12.02 2.35
N ASN A 90 13.66 -12.07 3.47
CA ASN A 90 14.02 -11.36 4.68
C ASN A 90 14.52 -9.93 4.43
N SER A 91 13.74 -9.16 3.67
CA SER A 91 14.06 -7.76 3.37
C SER A 91 15.37 -7.53 2.60
N ARG A 92 16.05 -8.60 2.20
CA ARG A 92 17.32 -8.46 1.46
C ARG A 92 17.11 -7.66 0.18
N MET A 93 15.96 -7.87 -0.46
CA MET A 93 15.63 -7.17 -1.69
C MET A 93 14.14 -6.84 -1.73
N LEU A 94 13.75 -5.90 -2.58
CA LEU A 94 12.35 -5.54 -2.74
C LEU A 94 11.67 -6.56 -3.68
N TYR A 95 10.79 -7.38 -3.11
CA TYR A 95 10.07 -8.41 -3.84
C TYR A 95 8.76 -7.88 -4.47
N PHE A 96 8.92 -7.08 -5.52
CA PHE A 96 7.77 -6.52 -6.24
C PHE A 96 6.86 -7.62 -6.78
N ALA A 97 7.47 -8.63 -7.41
CA ALA A 97 6.77 -9.75 -8.00
C ALA A 97 7.76 -10.88 -8.28
N PRO A 98 7.25 -12.11 -8.46
CA PRO A 98 8.11 -13.26 -8.72
C PRO A 98 9.10 -12.99 -9.86
N ASP A 99 8.64 -12.26 -10.87
CA ASP A 99 9.48 -11.96 -12.03
C ASP A 99 9.96 -10.51 -12.00
N LEU A 100 10.05 -9.94 -10.80
CA LEU A 100 10.50 -8.56 -10.67
C LEU A 100 11.04 -8.28 -9.28
N VAL A 101 12.24 -8.78 -9.02
CA VAL A 101 12.91 -8.61 -7.74
C VAL A 101 14.04 -7.60 -7.90
N PHE A 102 14.01 -6.54 -7.08
CA PHE A 102 14.98 -5.47 -7.11
C PHE A 102 16.16 -5.66 -6.18
N ASN A 103 17.33 -5.79 -6.78
CA ASN A 103 18.56 -5.91 -6.00
C ASN A 103 19.12 -4.50 -5.90
N GLU A 104 20.29 -4.32 -5.28
CA GLU A 104 20.91 -3.01 -5.14
C GLU A 104 21.10 -2.36 -6.51
N TYR A 105 21.56 -3.12 -7.49
CA TYR A 105 21.79 -2.60 -8.84
C TYR A 105 20.52 -2.00 -9.46
N ARG A 106 19.44 -2.77 -9.42
CA ARG A 106 18.17 -2.30 -9.96
C ARG A 106 17.63 -1.09 -9.19
N MET A 107 17.78 -1.11 -7.88
CA MET A 107 17.35 0.02 -7.08
C MET A 107 18.01 1.28 -7.64
N HIS A 108 19.24 1.12 -8.11
CA HIS A 108 20.00 2.23 -8.67
C HIS A 108 19.54 2.59 -10.06
N LYS A 109 19.44 1.61 -10.95
CA LYS A 109 19.02 1.87 -12.32
C LYS A 109 17.60 2.42 -12.45
N SER A 110 16.77 2.16 -11.45
CA SER A 110 15.39 2.66 -11.45
C SER A 110 15.36 4.17 -11.21
N ARG A 111 16.49 4.73 -10.75
CA ARG A 111 16.62 6.16 -10.47
C ARG A 111 15.77 6.59 -9.27
N MET A 112 15.37 5.63 -8.45
CA MET A 112 14.56 5.89 -7.27
C MET A 112 15.13 5.08 -6.12
N TYR A 113 16.46 5.11 -6.01
CA TYR A 113 17.18 4.39 -4.97
C TYR A 113 16.76 4.82 -3.57
N SER A 114 16.71 6.13 -3.35
CA SER A 114 16.30 6.68 -2.05
C SER A 114 14.90 6.15 -1.66
N GLN A 115 14.01 6.05 -2.62
CA GLN A 115 12.67 5.54 -2.36
C GLN A 115 12.70 4.03 -2.08
N CYS A 116 13.58 3.30 -2.76
CA CYS A 116 13.71 1.87 -2.56
C CYS A 116 14.27 1.60 -1.20
N VAL A 117 15.19 2.45 -0.76
CA VAL A 117 15.79 2.33 0.58
C VAL A 117 14.72 2.45 1.68
N ARG A 118 13.87 3.47 1.57
CA ARG A 118 12.82 3.67 2.55
C ARG A 118 11.85 2.49 2.57
N MET A 119 11.45 2.00 1.40
CA MET A 119 10.52 0.87 1.33
C MET A 119 11.15 -0.39 1.93
N ARG A 120 12.44 -0.56 1.67
CA ARG A 120 13.15 -1.72 2.19
C ARG A 120 13.28 -1.60 3.70
N HIS A 121 13.35 -0.36 4.18
CA HIS A 121 13.43 -0.12 5.62
C HIS A 121 12.08 -0.50 6.26
N LEU A 122 11.00 -0.27 5.52
CA LEU A 122 9.65 -0.62 5.99
C LEU A 122 9.56 -2.13 6.08
N SER A 123 10.11 -2.81 5.09
CA SER A 123 10.09 -4.27 5.07
C SER A 123 10.81 -4.83 6.30
N GLN A 124 11.92 -4.17 6.66
CA GLN A 124 12.72 -4.60 7.81
C GLN A 124 11.93 -4.47 9.10
N GLU A 125 11.09 -3.44 9.19
CA GLU A 125 10.23 -3.22 10.37
C GLU A 125 9.38 -4.47 10.66
N PHE A 126 8.87 -5.10 9.60
CA PHE A 126 8.04 -6.29 9.75
C PHE A 126 8.77 -7.35 10.56
N GLY A 127 10.10 -7.35 10.48
CA GLY A 127 10.90 -8.31 11.20
C GLY A 127 11.25 -7.84 12.59
N TRP A 128 11.65 -6.58 12.71
CA TRP A 128 12.02 -6.01 14.00
C TRP A 128 10.85 -6.01 14.98
N LEU A 129 9.66 -5.72 14.46
CA LEU A 129 8.45 -5.71 15.29
C LEU A 129 7.78 -7.09 15.35
N GLN A 130 8.39 -8.08 14.70
CA GLN A 130 7.85 -9.44 14.68
C GLN A 130 6.35 -9.41 14.37
N ILE A 131 6.00 -8.75 13.28
CA ILE A 131 4.61 -8.63 12.87
C ILE A 131 4.07 -10.00 12.42
N THR A 132 2.87 -10.32 12.89
CA THR A 132 2.26 -11.59 12.51
C THR A 132 1.44 -11.41 11.24
N PRO A 133 1.16 -12.52 10.54
CA PRO A 133 0.36 -12.46 9.30
C PRO A 133 -0.99 -11.78 9.53
N GLN A 134 -1.58 -12.05 10.69
CA GLN A 134 -2.87 -11.44 11.04
C GLN A 134 -2.78 -9.93 11.29
N GLU A 135 -1.73 -9.50 12.00
CA GLU A 135 -1.55 -8.09 12.29
C GLU A 135 -1.36 -7.37 10.98
N PHE A 136 -0.65 -8.01 10.04
CA PHE A 136 -0.37 -7.43 8.72
C PHE A 136 -1.66 -7.23 7.94
N LEU A 137 -2.47 -8.28 7.90
CA LEU A 137 -3.76 -8.24 7.19
C LEU A 137 -4.67 -7.09 7.68
N CYS A 138 -4.78 -6.93 8.99
CA CYS A 138 -5.64 -5.88 9.55
C CYS A 138 -5.10 -4.50 9.17
N MET A 139 -3.82 -4.28 9.42
CA MET A 139 -3.19 -3.03 9.09
C MET A 139 -3.38 -2.67 7.66
N LYS A 140 -3.19 -3.62 6.75
CA LYS A 140 -3.35 -3.34 5.32
C LYS A 140 -4.79 -2.92 5.04
N ALA A 141 -5.75 -3.64 5.62
CA ALA A 141 -7.16 -3.31 5.45
C ALA A 141 -7.41 -1.87 5.90
N LEU A 142 -6.78 -1.49 7.00
CA LEU A 142 -6.93 -0.15 7.55
C LEU A 142 -6.33 0.94 6.65
N LEU A 143 -5.29 0.59 5.91
CA LEU A 143 -4.62 1.51 4.99
C LEU A 143 -5.59 1.99 3.92
N LEU A 144 -6.52 1.14 3.52
CA LEU A 144 -7.51 1.52 2.53
C LEU A 144 -8.36 2.72 3.02
N PHE A 145 -8.46 2.85 4.33
CA PHE A 145 -9.23 3.93 4.96
C PHE A 145 -8.32 4.90 5.70
N SER A 146 -7.16 5.19 5.12
CA SER A 146 -6.21 6.09 5.76
C SER A 146 -5.86 7.36 4.97
N ILE A 147 -6.64 7.68 3.96
CA ILE A 147 -6.38 8.88 3.17
C ILE A 147 -7.62 9.40 2.48
N ILE A 148 -8.04 10.60 2.90
CA ILE A 148 -9.25 11.24 2.36
C ILE A 148 -9.03 12.76 2.19
N PRO A 149 -9.89 13.40 1.38
CA PRO A 149 -9.76 14.84 1.15
C PRO A 149 -10.09 15.64 2.41
N VAL A 150 -9.38 16.75 2.59
CA VAL A 150 -9.58 17.60 3.76
C VAL A 150 -11.03 18.06 3.92
N ASP A 151 -11.76 18.08 2.81
CA ASP A 151 -13.18 18.46 2.82
C ASP A 151 -14.15 17.29 2.93
N GLY A 152 -13.62 16.12 3.28
CA GLY A 152 -14.45 14.94 3.44
C GLY A 152 -14.94 14.30 2.17
N LEU A 153 -15.69 13.21 2.32
CA LEU A 153 -16.24 12.46 1.20
C LEU A 153 -17.74 12.73 1.09
N LYS A 154 -18.40 12.08 0.13
CA LYS A 154 -19.84 12.26 -0.03
C LYS A 154 -20.59 11.80 1.20
N ASN A 155 -20.36 10.56 1.59
CA ASN A 155 -20.99 9.99 2.77
C ASN A 155 -19.92 9.73 3.82
N GLN A 156 -19.37 10.81 4.35
CA GLN A 156 -18.31 10.75 5.34
C GLN A 156 -18.65 9.90 6.56
N LYS A 157 -19.89 10.01 7.04
CA LYS A 157 -20.33 9.24 8.19
C LYS A 157 -20.07 7.73 8.09
N PHE A 158 -20.44 7.11 6.97
CA PHE A 158 -20.24 5.67 6.80
C PHE A 158 -18.75 5.34 6.84
N PHE A 159 -17.92 6.24 6.31
CA PHE A 159 -16.49 6.03 6.31
C PHE A 159 -15.91 6.02 7.73
N ASP A 160 -16.34 6.97 8.55
CA ASP A 160 -15.86 7.06 9.93
C ASP A 160 -16.19 5.79 10.68
N GLU A 161 -17.44 5.36 10.56
CA GLU A 161 -17.91 4.15 11.21
C GLU A 161 -17.07 2.96 10.77
N LEU A 162 -16.83 2.88 9.46
CA LEU A 162 -16.03 1.78 8.91
C LEU A 162 -14.58 1.81 9.42
N ARG A 163 -13.97 3.00 9.40
CA ARG A 163 -12.59 3.13 9.87
C ARG A 163 -12.52 2.79 11.35
N MET A 164 -13.51 3.25 12.10
CA MET A 164 -13.59 2.99 13.53
C MET A 164 -13.64 1.49 13.83
N ASN A 165 -14.42 0.75 13.04
CA ASN A 165 -14.56 -0.69 13.22
C ASN A 165 -13.27 -1.47 12.88
N TYR A 166 -12.55 -1.01 11.88
CA TYR A 166 -11.31 -1.67 11.51
C TYR A 166 -10.22 -1.41 12.51
N ILE A 167 -10.34 -0.32 13.26
CA ILE A 167 -9.36 -0.01 14.31
C ILE A 167 -9.68 -0.93 15.51
N LYS A 168 -10.97 -1.13 15.74
CA LYS A 168 -11.42 -2.00 16.82
C LYS A 168 -10.91 -3.43 16.57
N GLU A 169 -11.03 -3.89 15.32
CA GLU A 169 -10.58 -5.23 14.96
C GLU A 169 -9.08 -5.39 15.21
N LEU A 170 -8.31 -4.35 14.89
CA LEU A 170 -6.87 -4.40 15.08
C LEU A 170 -6.56 -4.51 16.56
N ASP A 171 -7.45 -3.95 17.39
CA ASP A 171 -7.28 -4.00 18.83
C ASP A 171 -7.46 -5.43 19.35
N ARG A 172 -8.52 -6.09 18.88
CA ARG A 172 -8.81 -7.46 19.29
C ARG A 172 -7.68 -8.39 18.89
N ILE A 173 -7.08 -8.12 17.73
CA ILE A 173 -5.97 -8.92 17.24
C ILE A 173 -4.80 -8.82 18.22
N ILE A 174 -4.57 -7.61 18.74
CA ILE A 174 -3.48 -7.37 19.68
C ILE A 174 -3.80 -7.98 21.04
N ALA A 175 -5.07 -7.89 21.45
CA ALA A 175 -5.49 -8.40 22.75
C ALA A 175 -5.60 -9.92 22.78
N CYS A 176 -5.99 -10.52 21.66
CA CYS A 176 -6.15 -11.96 21.57
C CYS A 176 -4.82 -12.72 21.57
N LYS A 177 -3.84 -12.20 22.29
CA LYS A 177 -2.53 -12.84 22.40
C LYS A 177 -1.65 -12.07 23.37
N ARG A 178 -2.28 -11.44 24.36
CA ARG A 178 -1.58 -10.67 25.38
C ARG A 178 -2.33 -10.71 26.70
N LYS A 179 -1.59 -10.99 27.77
CA LYS A 179 -2.16 -11.07 29.11
C LYS A 179 -1.99 -9.76 29.86
N ASN A 180 -0.84 -9.13 29.64
CA ASN A 180 -0.51 -7.87 30.30
C ASN A 180 -1.27 -6.70 29.71
N PRO A 181 -1.79 -5.81 30.58
CA PRO A 181 -2.54 -4.65 30.09
C PRO A 181 -1.60 -3.58 29.52
N THR A 182 -0.31 -3.74 29.80
CA THR A 182 0.71 -2.82 29.32
C THR A 182 1.28 -3.25 27.97
N SER A 183 1.24 -4.56 27.71
CA SER A 183 1.75 -5.09 26.45
C SER A 183 0.83 -4.71 25.29
N CYS A 184 -0.47 -4.70 25.55
CA CYS A 184 -1.46 -4.35 24.53
C CYS A 184 -1.27 -2.91 24.09
N SER A 185 -1.28 -1.98 25.04
CA SER A 185 -1.10 -0.57 24.73
C SER A 185 0.22 -0.32 24.03
N ARG A 186 1.24 -1.07 24.42
CA ARG A 186 2.56 -0.93 23.82
C ARG A 186 2.55 -1.39 22.36
N ARG A 187 1.84 -2.47 22.10
CA ARG A 187 1.76 -3.00 20.74
C ARG A 187 0.97 -2.07 19.83
N PHE A 188 -0.20 -1.64 20.27
CA PHE A 188 -1.02 -0.74 19.47
C PHE A 188 -0.19 0.48 19.05
N TYR A 189 0.58 1.00 20.01
CA TYR A 189 1.43 2.15 19.75
C TYR A 189 2.38 1.82 18.62
N GLN A 190 3.05 0.67 18.71
CA GLN A 190 3.99 0.24 17.68
C GLN A 190 3.34 0.10 16.32
N LEU A 191 2.16 -0.53 16.27
CA LEU A 191 1.46 -0.74 15.01
C LEU A 191 0.97 0.53 14.34
N THR A 192 0.45 1.47 15.12
CA THR A 192 0.00 2.76 14.59
C THR A 192 1.21 3.57 14.09
N LYS A 193 2.35 3.37 14.73
CA LYS A 193 3.57 4.04 14.32
C LYS A 193 4.01 3.49 12.97
N LEU A 194 3.93 2.17 12.83
CA LEU A 194 4.30 1.51 11.58
C LEU A 194 3.36 1.96 10.44
N LEU A 195 2.07 2.04 10.76
CA LEU A 195 1.08 2.48 9.77
C LEU A 195 1.35 3.90 9.25
N ASP A 196 1.67 4.80 10.18
CA ASP A 196 1.96 6.19 9.82
C ASP A 196 3.20 6.30 8.93
N SER A 197 4.23 5.54 9.23
CA SER A 197 5.47 5.58 8.47
C SER A 197 5.27 5.21 7.02
N VAL A 198 4.13 4.61 6.70
CA VAL A 198 3.83 4.26 5.31
C VAL A 198 3.49 5.49 4.43
N GLN A 199 2.73 6.43 5.00
CA GLN A 199 2.30 7.63 4.28
C GLN A 199 3.44 8.44 3.67
N PRO A 200 4.48 8.74 4.44
CA PRO A 200 5.60 9.51 3.90
C PRO A 200 6.22 8.82 2.65
N ILE A 201 6.42 7.50 2.73
CA ILE A 201 6.99 6.71 1.65
C ILE A 201 6.09 6.81 0.43
N ALA A 202 4.78 6.75 0.66
CA ALA A 202 3.80 6.84 -0.43
C ALA A 202 3.86 8.21 -1.12
N ARG A 203 3.88 9.28 -0.33
CA ARG A 203 3.96 10.63 -0.88
C ARG A 203 5.19 10.80 -1.82
N GLU A 204 6.33 10.26 -1.40
CA GLU A 204 7.53 10.36 -2.22
C GLU A 204 7.36 9.59 -3.52
N LEU A 205 6.58 8.50 -3.48
CA LEU A 205 6.35 7.69 -4.66
C LEU A 205 5.31 8.40 -5.52
N HIS A 206 4.37 9.08 -4.87
CA HIS A 206 3.32 9.86 -5.55
C HIS A 206 3.98 10.97 -6.38
N GLN A 207 4.95 11.65 -5.78
CA GLN A 207 5.65 12.72 -6.46
C GLN A 207 6.52 12.20 -7.60
N PHE A 208 7.18 11.08 -7.35
CA PHE A 208 8.06 10.46 -8.33
C PHE A 208 7.31 9.97 -9.55
N THR A 209 6.20 9.26 -9.33
CA THR A 209 5.42 8.72 -10.45
C THR A 209 4.79 9.85 -11.27
N PHE A 210 4.31 10.88 -10.59
CA PHE A 210 3.72 12.04 -11.24
C PHE A 210 4.73 12.63 -12.20
N ASP A 211 5.92 12.94 -11.69
CA ASP A 211 6.98 13.51 -12.52
C ASP A 211 7.35 12.60 -13.68
N LEU A 212 7.34 11.30 -13.42
CA LEU A 212 7.66 10.33 -14.47
C LEU A 212 6.63 10.36 -15.57
N LEU A 213 5.36 10.47 -15.17
CA LEU A 213 4.26 10.51 -16.13
C LEU A 213 4.36 11.73 -17.06
N ILE A 214 4.78 12.85 -16.47
CA ILE A 214 4.92 14.11 -17.20
C ILE A 214 5.98 14.00 -18.29
N LYS A 215 7.10 13.39 -17.97
CA LYS A 215 8.20 13.23 -18.92
C LYS A 215 8.32 11.79 -19.43
N SER A 216 7.23 11.04 -19.34
CA SER A 216 7.20 9.64 -19.76
C SER A 216 7.61 9.46 -21.20
N HIS A 217 7.07 10.28 -22.09
CA HIS A 217 7.38 10.20 -23.51
C HIS A 217 8.86 10.51 -23.80
N MET A 218 9.48 11.25 -22.91
CA MET A 218 10.88 11.61 -23.06
C MET A 218 11.83 10.47 -22.66
N VAL A 219 11.48 9.75 -21.60
CA VAL A 219 12.31 8.66 -21.11
C VAL A 219 11.84 7.27 -21.55
N SER A 220 10.99 7.23 -22.57
CA SER A 220 10.48 5.97 -23.10
C SER A 220 9.87 5.05 -22.05
N VAL A 221 9.08 5.60 -21.15
CA VAL A 221 8.44 4.81 -20.09
C VAL A 221 6.95 4.69 -20.38
N ASP A 222 6.47 3.45 -20.47
CA ASP A 222 5.06 3.20 -20.73
C ASP A 222 4.21 3.18 -19.48
N PHE A 223 3.07 3.88 -19.55
CA PHE A 223 2.11 3.93 -18.45
C PHE A 223 0.80 3.31 -18.87
N PRO A 224 0.34 2.27 -18.16
CA PRO A 224 -0.93 1.63 -18.51
C PRO A 224 -2.05 2.66 -18.50
N GLU A 225 -3.18 2.34 -19.10
CA GLU A 225 -4.30 3.26 -19.15
C GLU A 225 -4.82 3.75 -17.80
N MET A 226 -5.22 2.84 -16.93
CA MET A 226 -5.72 3.22 -15.62
C MET A 226 -4.69 3.99 -14.80
N MET A 227 -3.43 3.54 -14.84
CA MET A 227 -2.36 4.18 -14.10
C MET A 227 -2.22 5.65 -14.53
N ALA A 228 -2.19 5.90 -15.83
CA ALA A 228 -2.04 7.25 -16.35
C ALA A 228 -3.17 8.15 -15.89
N GLU A 229 -4.40 7.65 -15.96
CA GLU A 229 -5.56 8.42 -15.57
C GLU A 229 -5.55 8.75 -14.09
N ILE A 230 -5.31 7.74 -13.26
CA ILE A 230 -5.29 7.94 -11.81
C ILE A 230 -4.18 8.87 -11.34
N ILE A 231 -3.00 8.74 -11.93
CA ILE A 231 -1.86 9.56 -11.58
C ILE A 231 -1.99 11.01 -12.07
N SER A 232 -2.78 11.23 -13.11
CA SER A 232 -2.95 12.60 -13.65
C SER A 232 -4.22 13.28 -13.11
N VAL A 233 -5.06 12.49 -12.42
CA VAL A 233 -6.31 13.03 -11.88
C VAL A 233 -6.43 12.93 -10.37
N GLN A 234 -6.05 11.78 -9.81
CA GLN A 234 -6.15 11.55 -8.36
C GLN A 234 -4.91 11.96 -7.59
N VAL A 235 -3.75 11.47 -8.00
CA VAL A 235 -2.47 11.80 -7.34
C VAL A 235 -2.24 13.33 -7.15
N PRO A 236 -2.50 14.15 -8.20
CA PRO A 236 -2.31 15.60 -8.08
C PRO A 236 -3.10 16.20 -6.89
N LYS A 237 -4.28 15.66 -6.62
CA LYS A 237 -5.11 16.15 -5.51
C LYS A 237 -4.38 15.96 -4.21
N ILE A 238 -3.62 14.87 -4.10
CA ILE A 238 -2.86 14.57 -2.89
C ILE A 238 -1.65 15.49 -2.78
N LEU A 239 -0.88 15.55 -3.85
CA LEU A 239 0.31 16.39 -3.89
C LEU A 239 0.00 17.89 -3.69
N SER A 240 -1.20 18.33 -4.08
CA SER A 240 -1.59 19.73 -3.92
C SER A 240 -2.20 20.00 -2.55
N GLY A 241 -2.28 18.96 -1.72
CA GLY A 241 -2.85 19.11 -0.39
C GLY A 241 -4.37 19.02 -0.30
N LYS A 242 -5.04 18.78 -1.41
CA LYS A 242 -6.51 18.65 -1.40
C LYS A 242 -6.98 17.33 -0.74
N VAL A 243 -6.10 16.35 -0.76
CA VAL A 243 -6.33 15.06 -0.14
C VAL A 243 -5.14 14.76 0.76
N LYS A 244 -5.39 14.37 2.00
CA LYS A 244 -4.32 14.06 2.92
C LYS A 244 -4.54 12.78 3.73
N PRO A 245 -3.44 12.12 4.10
CA PRO A 245 -3.48 10.89 4.88
C PRO A 245 -3.93 11.18 6.30
N ILE A 246 -4.48 10.16 6.97
CA ILE A 246 -4.93 10.27 8.34
C ILE A 246 -3.88 9.64 9.25
N TYR A 247 -3.18 10.49 10.01
CA TYR A 247 -2.16 10.01 10.93
C TYR A 247 -2.70 9.73 12.32
N PHE A 248 -2.20 8.67 12.96
CA PHE A 248 -2.58 8.38 14.34
C PHE A 248 -1.81 9.31 15.28
N HIS A 249 -0.53 9.51 14.97
CA HIS A 249 0.35 10.35 15.77
C HIS A 249 0.68 11.64 15.02
N THR A 250 0.90 12.71 15.78
CA THR A 250 1.22 14.00 15.20
C THR A 250 2.72 14.11 14.93
S SO4 B . -3.89 2.71 28.82
O1 SO4 B . -4.37 4.02 28.36
O2 SO4 B . -3.81 2.70 30.29
O3 SO4 B . -4.82 1.66 28.37
O4 SO4 B . -2.56 2.45 28.26
S SO4 C . 19.33 -5.00 5.01
O1 SO4 C . 19.79 -5.17 6.43
O2 SO4 C . 18.30 -6.04 4.66
O3 SO4 C . 20.49 -5.14 4.08
O4 SO4 C . 18.71 -3.64 4.85
S SO4 D . 2.99 3.32 25.37
O1 SO4 D . 2.95 3.72 26.80
O2 SO4 D . 2.22 4.31 24.56
O3 SO4 D . 2.40 1.96 25.21
O4 SO4 D . 4.40 3.32 24.89
C1 DHT E . 3.72 -1.79 -8.04
C2 DHT E . 3.07 -2.76 -7.08
C3 DHT E . 4.13 -3.09 -5.96
O3 DHT E . 4.42 -4.16 -5.69
C4 DHT E . 4.69 -1.87 -5.27
C5 DHT E . 5.30 -0.87 -6.28
C6 DHT E . 5.89 0.43 -5.59
C7 DHT E . 6.51 1.37 -6.66
C8 DHT E . 5.51 1.80 -7.78
C9 DHT E . 4.95 0.51 -8.43
C10 DHT E . 4.23 -0.49 -7.39
C11 DHT E . 3.95 0.98 -9.58
C12 DHT E . 4.55 1.91 -10.63
C13 DHT E . 5.23 3.15 -10.00
C14 DHT E . 6.20 2.68 -8.86
C15 DHT E . 6.80 4.01 -8.40
C16 DHT E . 7.10 4.72 -9.75
C17 DHT E . 6.27 3.92 -10.81
O17 DHT E . 5.67 4.82 -11.72
C18 DHT E . 4.09 4.12 -9.46
C19 DHT E . 2.99 0.25 -6.72
CAA ICO F . -18.42 -4.39 11.06
CAD ICO F . -18.54 -5.24 12.15
CAI ICO F . -19.77 -5.43 12.75
CAJ ICO F . -20.89 -4.75 12.26
CAF ICO F . -20.77 -3.89 11.17
CAB ICO F . -19.53 -3.71 10.56
NAE ICO F . -19.14 -2.97 9.53
CAG ICO F . -17.82 -3.13 9.33
CAC ICO F . -17.36 -3.99 10.25
CAH ICO F . -15.91 -4.43 10.38
OAL ICO F . -15.06 -4.05 9.58
OAK ICO F . -15.56 -5.17 11.32
N1 K10 G . -10.89 3.25 -7.59
C1 K10 G . -10.67 2.74 -8.80
N2 K10 G . -9.48 2.91 -9.40
C2 K10 G . -9.24 2.41 -10.60
N3 K10 G . -10.15 1.71 -11.24
C3 K10 G . -11.36 1.49 -10.70
C4 K10 G . -11.65 2.01 -9.45
C5 K10 G . -12.95 1.62 -9.18
N4 K10 G . -13.36 0.91 -10.23
N5 K10 G . -12.46 0.85 -11.09
C6 K10 G . -12.61 0.13 -12.38
C7 K10 G . -11.67 -1.08 -12.41
C8 K10 G . -14.06 -0.35 -12.53
C9 K10 G . -12.27 1.08 -13.55
C10 K10 G . -13.79 1.97 -7.95
C11 K10 G . -15.13 1.26 -7.97
C12 K10 G . -16.16 1.86 -8.71
C13 K10 G . -17.42 1.29 -8.79
C14 K10 G . -17.68 0.11 -8.11
C15 K10 G . -16.68 -0.49 -7.36
C16 K10 G . -15.41 0.09 -7.29
C17 K10 G . -14.35 -0.61 -6.46
C18 K10 G . -18.52 1.96 -9.61
#